data_6FBI
#
_entry.id   6FBI
#
_cell.length_a   109.770
_cell.length_b   109.770
_cell.length_c   91.460
_cell.angle_alpha   90.00
_cell.angle_beta   90.00
_cell.angle_gamma   120.00
#
_symmetry.space_group_name_H-M   'P 31 2 1'
#
loop_
_entity.id
_entity.type
_entity.pdbx_description
1 polymer 'DNA polymerase I, thermostable'
2 polymer "DNA (5'-D(*GP*AP*CP*CP*AP*CP*GP*GP*CP*CP*AP*C)-3')"
3 polymer "DNA (5'-D(*AP*AP*AP*CP*GP*TP*GP*GP*CP*CP*GP*TP*GP*GP*TP*C)-3')"
4 non-polymer "2'-deoxy-5'-O-[(R)-hydroxy{[(R)-hydroxy(phosphonooxy)phosphoryl]amino}phosphoryl]guanosine"
5 non-polymer 'MANGANESE (II) ION'
6 non-polymer 1,2-ETHANEDIOL
7 water water
#
loop_
_entity_poly.entity_id
_entity_poly.type
_entity_poly.pdbx_seq_one_letter_code
_entity_poly.pdbx_strand_id
1 'polypeptide(L)'
;MALEEAPWPPPEGAFVGFVLSRKEPMWADLLALAAARGGRVHRAPEPYKALRDLKEARGLLAKDLSVLALREGLGLPPGD
DPMLLAYLLDPSNTTPEGVARRYGGEWTEEAGERAALSERLFANLWGRLEGEERLLWLYREVERPLSAVLAHMEATGVRL
DVAYLRALSLEVAEEIARLEAEVFRLAGHPFNLNSRDQLERVLFDELGLPAIGKTEKTGKRSTSAAVLEALREAHPIVEK
ILQYRELTKLKSTYIDPLPDLIHPRTGRLHTRFNQTATATGRLSSSDPNLQNIPVRTPLGQRIRRAFIAEEGWLLVALDY
SQIELRVLAHLSGDENLIRVFQEGRDIHTETASWMFGVPREAVDPLMRRAAKTINFGVLYGMSAHRLSQELAIPYEEAQA
FIERYFQSFPKVRAWIEKTLEEGRRRGYVETLFGRRRYVPDLEARVKSVREAAERMAFNMPVQGTAADLMKLAMVKLFPR
LEEMGARMLLQVHDELVLEAPKERAEAVARLAKEVMEGVYPLAVPLEVEVGIGEDWLSAKE
;
A
2 'polydeoxyribonucleotide' (DG)(DA)(DC)(DC)(DA)(DC)(DG)(DG)(DC)(DC)(DA)(DC) B
3 'polydeoxyribonucleotide' (DA)(DA)(DA)(DC)(DG)(DT)(DG)(DG)(DC)(DC)(DG)(DT)(DG)(DG)(DT)(DC) C
#
loop_
_chem_comp.id
_chem_comp.type
_chem_comp.name
_chem_comp.formula
DA DNA linking 2'-DEOXYADENOSINE-5'-MONOPHOSPHATE 'C10 H14 N5 O6 P'
DC DNA linking 2'-DEOXYCYTIDINE-5'-MONOPHOSPHATE 'C9 H14 N3 O7 P'
DG DNA linking 2'-DEOXYGUANOSINE-5'-MONOPHOSPHATE 'C10 H14 N5 O7 P'
DT DNA linking THYMIDINE-5'-MONOPHOSPHATE 'C10 H15 N2 O8 P'
EDO non-polymer 1,2-ETHANEDIOL 'C2 H6 O2'
MN non-polymer 'MANGANESE (II) ION' 'Mn 2'
XG4 non-polymer 2'-deoxy-5'-O-[(R)-hydroxy{[(R)-hydroxy(phosphonooxy)phosphoryl]amino}phosphoryl]guanosine 'C10 H17 N6 O12 P3'
#
# COMPACT_ATOMS: atom_id res chain seq x y z
N LEU A 3 -30.66 -17.23 -17.17
CA LEU A 3 -31.14 -16.07 -17.93
C LEU A 3 -31.45 -16.47 -19.36
N GLU A 4 -32.23 -15.65 -20.05
CA GLU A 4 -32.56 -15.90 -21.45
C GLU A 4 -31.45 -15.34 -22.33
N GLU A 5 -30.74 -16.23 -23.02
CA GLU A 5 -29.65 -15.80 -23.89
C GLU A 5 -30.18 -14.88 -24.98
N ALA A 6 -29.54 -13.71 -25.11
CA ALA A 6 -29.85 -12.72 -26.12
C ALA A 6 -28.60 -12.43 -26.94
N PRO A 7 -28.75 -11.94 -28.17
CA PRO A 7 -27.56 -11.73 -29.01
C PRO A 7 -26.81 -10.46 -28.64
N TRP A 8 -25.49 -10.54 -28.79
CA TRP A 8 -24.66 -9.34 -28.66
C TRP A 8 -25.08 -8.32 -29.71
N PRO A 9 -25.02 -7.01 -29.40
CA PRO A 9 -24.56 -6.39 -28.15
C PRO A 9 -25.67 -6.26 -27.11
N PRO A 10 -25.27 -6.01 -25.86
CA PRO A 10 -26.25 -5.77 -24.82
C PRO A 10 -26.79 -4.35 -24.94
N PRO A 11 -27.84 -4.02 -24.19
CA PRO A 11 -28.28 -2.62 -24.13
C PRO A 11 -27.38 -1.80 -23.22
N GLU A 12 -27.48 -0.49 -23.38
CA GLU A 12 -26.79 0.43 -22.48
C GLU A 12 -27.14 0.09 -21.04
N GLY A 13 -26.12 0.10 -20.18
CA GLY A 13 -26.31 -0.13 -18.76
C GLY A 13 -26.26 -1.58 -18.33
N ALA A 14 -25.85 -2.50 -19.20
CA ALA A 14 -25.76 -3.90 -18.83
C ALA A 14 -24.53 -4.15 -17.95
N PHE A 15 -24.64 -5.18 -17.12
CA PHE A 15 -23.52 -5.64 -16.31
C PHE A 15 -22.66 -6.60 -17.12
N VAL A 16 -21.36 -6.42 -17.07
CA VAL A 16 -20.42 -7.18 -17.87
C VAL A 16 -19.87 -8.34 -17.05
N GLY A 17 -19.48 -9.40 -17.75
CA GLY A 17 -18.66 -10.44 -17.17
C GLY A 17 -17.59 -10.85 -18.17
N PHE A 18 -16.43 -11.22 -17.64
CA PHE A 18 -15.29 -11.50 -18.50
C PHE A 18 -14.36 -12.51 -17.84
N VAL A 19 -13.61 -13.24 -18.67
CA VAL A 19 -12.62 -14.19 -18.20
C VAL A 19 -11.28 -13.84 -18.82
N LEU A 20 -10.26 -13.74 -17.97
CA LEU A 20 -8.88 -13.46 -18.38
C LEU A 20 -8.05 -14.73 -18.36
N SER A 21 -7.06 -14.78 -19.25
CA SER A 21 -6.12 -15.90 -19.24
C SER A 21 -5.25 -15.89 -17.99
N ARG A 22 -5.15 -14.76 -17.31
CA ARG A 22 -4.30 -14.61 -16.14
C ARG A 22 -4.79 -13.36 -15.41
N LYS A 23 -4.40 -13.24 -14.14
CA LYS A 23 -4.98 -12.20 -13.28
C LYS A 23 -4.61 -10.79 -13.74
N GLU A 24 -3.43 -10.62 -14.35
CA GLU A 24 -2.92 -9.29 -14.71
C GLU A 24 -3.57 -8.77 -15.98
N PRO A 25 -4.37 -7.69 -15.92
CA PRO A 25 -5.04 -7.23 -17.16
C PRO A 25 -4.10 -6.78 -18.26
N MET A 26 -2.98 -6.14 -17.92
CA MET A 26 -2.04 -5.70 -18.94
C MET A 26 -1.41 -6.87 -19.68
N TRP A 27 -1.40 -8.06 -19.08
CA TRP A 27 -0.79 -9.23 -19.70
C TRP A 27 -1.81 -10.27 -20.17
N ALA A 28 -3.10 -10.08 -19.88
CA ALA A 28 -4.07 -11.13 -20.08
C ALA A 28 -4.62 -11.15 -21.50
N ASP A 29 -4.85 -12.36 -21.99
CA ASP A 29 -5.71 -12.59 -23.14
C ASP A 29 -7.16 -12.53 -22.68
N LEU A 30 -8.00 -11.76 -23.38
CA LEU A 30 -9.42 -11.70 -23.05
C LEU A 30 -10.09 -12.92 -23.65
N LEU A 31 -10.36 -13.92 -22.80
CA LEU A 31 -10.87 -15.19 -23.30
C LEU A 31 -12.36 -15.14 -23.61
N ALA A 32 -13.14 -14.38 -22.85
CA ALA A 32 -14.58 -14.35 -23.05
C ALA A 32 -15.15 -13.05 -22.51
N LEU A 33 -16.24 -12.61 -23.14
CA LEU A 33 -16.94 -11.40 -22.74
C LEU A 33 -18.44 -11.64 -22.83
N ALA A 34 -19.17 -11.25 -21.79
CA ALA A 34 -20.61 -11.43 -21.72
C ALA A 34 -21.22 -10.22 -21.02
N ALA A 35 -22.54 -10.12 -21.07
CA ALA A 35 -23.24 -9.02 -20.44
C ALA A 35 -24.66 -9.44 -20.08
N ALA A 36 -25.14 -8.94 -18.95
CA ALA A 36 -26.45 -9.31 -18.42
C ALA A 36 -27.25 -8.07 -18.11
N ARG A 37 -28.54 -8.09 -18.47
CA ARG A 37 -29.44 -7.00 -18.11
C ARG A 37 -30.87 -7.42 -18.44
N GLY A 38 -31.80 -6.96 -17.61
CA GLY A 38 -33.21 -7.22 -17.85
C GLY A 38 -33.53 -8.68 -18.03
N GLY A 39 -32.93 -9.54 -17.20
CA GLY A 39 -33.15 -10.96 -17.31
C GLY A 39 -32.68 -11.59 -18.61
N ARG A 40 -31.78 -10.91 -19.33
CA ARG A 40 -31.14 -11.47 -20.51
C ARG A 40 -29.64 -11.50 -20.29
N VAL A 41 -28.99 -12.48 -20.91
CA VAL A 41 -27.54 -12.58 -20.93
C VAL A 41 -27.09 -12.48 -22.38
N HIS A 42 -26.02 -11.74 -22.62
CA HIS A 42 -25.46 -11.57 -23.96
C HIS A 42 -24.01 -12.05 -23.94
N ARG A 43 -23.68 -12.98 -24.84
CA ARG A 43 -22.35 -13.56 -24.90
C ARG A 43 -21.69 -13.18 -26.22
N ALA A 44 -20.51 -12.57 -26.11
CA ALA A 44 -19.81 -12.04 -27.28
C ALA A 44 -19.26 -13.18 -28.15
N PRO A 45 -19.40 -13.10 -29.48
CA PRO A 45 -18.79 -14.14 -30.33
C PRO A 45 -17.27 -14.02 -30.41
N GLU A 46 -16.74 -12.81 -30.48
CA GLU A 46 -15.31 -12.57 -30.39
C GLU A 46 -15.11 -11.46 -29.37
N PRO A 47 -14.50 -11.74 -28.22
CA PRO A 47 -14.52 -10.74 -27.13
C PRO A 47 -13.75 -9.48 -27.44
N TYR A 48 -12.61 -9.56 -28.13
CA TYR A 48 -11.83 -8.35 -28.38
C TYR A 48 -12.64 -7.36 -29.22
N LYS A 49 -13.32 -7.84 -30.26
CA LYS A 49 -14.15 -6.96 -31.06
C LYS A 49 -15.34 -6.44 -30.26
N ALA A 50 -15.94 -7.30 -29.44
CA ALA A 50 -17.13 -6.91 -28.69
C ALA A 50 -16.84 -5.79 -27.71
N LEU A 51 -15.58 -5.66 -27.25
CA LEU A 51 -15.23 -4.55 -26.37
C LEU A 51 -15.67 -3.22 -26.94
N ARG A 52 -15.45 -3.02 -28.25
CA ARG A 52 -15.76 -1.74 -28.88
C ARG A 52 -17.22 -1.34 -28.67
N ASP A 53 -18.10 -2.29 -28.36
CA ASP A 53 -19.53 -2.00 -28.26
C ASP A 53 -19.94 -1.44 -26.91
N LEU A 54 -19.11 -1.58 -25.88
CA LEU A 54 -19.48 -1.13 -24.53
C LEU A 54 -19.13 0.33 -24.35
N LYS A 55 -19.98 1.04 -23.60
CA LYS A 55 -19.69 2.43 -23.22
C LYS A 55 -19.02 2.53 -21.87
N GLU A 56 -19.18 1.53 -21.00
CA GLU A 56 -18.48 1.47 -19.72
C GLU A 56 -18.34 0.02 -19.29
N ALA A 57 -17.41 -0.22 -18.37
CA ALA A 57 -17.28 -1.51 -17.71
C ALA A 57 -18.03 -1.43 -16.39
N ARG A 58 -19.13 -2.17 -16.30
CA ARG A 58 -20.02 -2.13 -15.15
C ARG A 58 -20.23 -3.55 -14.64
N GLY A 59 -19.62 -3.88 -13.50
CA GLY A 59 -19.75 -5.21 -12.95
C GLY A 59 -18.55 -5.56 -12.09
N LEU A 60 -18.46 -6.85 -11.74
CA LEU A 60 -17.40 -7.33 -10.87
C LEU A 60 -16.04 -7.14 -11.54
N LEU A 61 -15.09 -6.59 -10.77
CA LEU A 61 -13.73 -6.33 -11.27
C LEU A 61 -13.74 -5.46 -12.51
N ALA A 62 -14.58 -4.41 -12.49
CA ALA A 62 -14.69 -3.51 -13.63
C ALA A 62 -13.34 -2.91 -14.00
N LYS A 63 -12.56 -2.49 -13.01
CA LYS A 63 -11.29 -1.83 -13.30
C LYS A 63 -10.40 -2.72 -14.17
N ASP A 64 -10.35 -4.02 -13.87
CA ASP A 64 -9.49 -4.91 -14.63
C ASP A 64 -9.86 -4.90 -16.11
N LEU A 65 -11.15 -5.04 -16.43
CA LEU A 65 -11.55 -5.01 -17.84
C LEU A 65 -11.22 -3.66 -18.46
N SER A 66 -11.47 -2.57 -17.72
CA SER A 66 -11.14 -1.24 -18.24
C SER A 66 -9.65 -1.12 -18.55
N VAL A 67 -8.79 -1.67 -17.69
CA VAL A 67 -7.36 -1.61 -17.96
C VAL A 67 -7.03 -2.31 -19.26
N LEU A 68 -7.63 -3.48 -19.49
CA LEU A 68 -7.33 -4.22 -20.72
C LEU A 68 -7.88 -3.50 -21.93
N ALA A 69 -8.96 -2.74 -21.78
CA ALA A 69 -9.48 -1.96 -22.90
C ALA A 69 -8.55 -0.80 -23.23
N LEU A 70 -8.10 -0.07 -22.21
CA LEU A 70 -7.09 0.96 -22.41
C LEU A 70 -5.87 0.40 -23.11
N ARG A 71 -5.39 -0.77 -22.67
CA ARG A 71 -4.27 -1.42 -23.33
C ARG A 71 -4.52 -1.56 -24.82
N GLU A 72 -5.77 -1.82 -25.22
CA GLU A 72 -6.13 -1.97 -26.62
C GLU A 72 -6.53 -0.66 -27.27
N GLY A 73 -6.33 0.47 -26.60
CA GLY A 73 -6.64 1.77 -27.17
C GLY A 73 -8.10 2.18 -27.09
N LEU A 74 -8.87 1.62 -26.16
CA LEU A 74 -10.30 1.91 -26.05
C LEU A 74 -10.59 2.62 -24.74
N GLY A 75 -11.34 3.72 -24.82
CA GLY A 75 -11.79 4.42 -23.64
C GLY A 75 -13.05 3.80 -23.07
N LEU A 76 -12.87 2.79 -22.23
CA LEU A 76 -13.97 2.06 -21.59
C LEU A 76 -13.84 2.22 -20.09
N PRO A 77 -14.41 3.27 -19.51
CA PRO A 77 -14.17 3.55 -18.09
C PRO A 77 -14.92 2.57 -17.21
N PRO A 78 -14.40 2.26 -16.03
CA PRO A 78 -15.14 1.41 -15.10
C PRO A 78 -16.26 2.20 -14.43
N GLY A 79 -17.43 1.57 -14.33
CA GLY A 79 -18.52 2.13 -13.56
C GLY A 79 -18.79 1.33 -12.30
N ASP A 80 -20.04 0.93 -12.09
CA ASP A 80 -20.41 0.24 -10.87
C ASP A 80 -19.70 -1.10 -10.77
N ASP A 81 -19.23 -1.42 -9.57
CA ASP A 81 -18.57 -2.69 -9.29
C ASP A 81 -19.03 -3.19 -7.92
N PRO A 82 -19.84 -4.25 -7.89
CA PRO A 82 -20.32 -4.76 -6.59
C PRO A 82 -19.22 -5.02 -5.58
N MET A 83 -18.00 -5.30 -6.02
CA MET A 83 -16.89 -5.46 -5.08
C MET A 83 -16.70 -4.21 -4.24
N LEU A 84 -16.80 -3.03 -4.86
CA LEU A 84 -16.62 -1.79 -4.12
C LEU A 84 -17.75 -1.55 -3.12
N LEU A 85 -18.98 -1.97 -3.45
CA LEU A 85 -20.07 -1.89 -2.49
C LEU A 85 -19.81 -2.81 -1.31
N ALA A 86 -19.44 -4.07 -1.58
CA ALA A 86 -19.13 -5.01 -0.51
C ALA A 86 -18.01 -4.49 0.37
N TYR A 87 -16.96 -3.95 -0.26
CA TYR A 87 -15.79 -3.50 0.48
C TYR A 87 -16.13 -2.36 1.43
N LEU A 88 -16.97 -1.41 1.00
CA LEU A 88 -17.40 -0.34 1.88
C LEU A 88 -18.29 -0.86 3.00
N LEU A 89 -19.13 -1.87 2.72
CA LEU A 89 -19.96 -2.46 3.77
C LEU A 89 -19.11 -3.17 4.82
N ASP A 90 -18.02 -3.81 4.39
CA ASP A 90 -17.14 -4.57 5.27
C ASP A 90 -15.86 -4.85 4.51
N PRO A 91 -14.73 -4.25 4.90
CA PRO A 91 -13.51 -4.41 4.09
C PRO A 91 -12.87 -5.79 4.18
N SER A 92 -13.46 -6.73 4.92
CA SER A 92 -13.06 -8.13 4.76
C SER A 92 -13.68 -8.76 3.53
N ASN A 93 -14.54 -8.02 2.82
CA ASN A 93 -15.04 -8.41 1.51
C ASN A 93 -13.99 -8.02 0.48
N THR A 94 -13.09 -8.96 0.16
CA THR A 94 -11.92 -8.67 -0.64
C THR A 94 -11.84 -9.41 -1.96
N THR A 95 -12.59 -10.50 -2.12
CA THR A 95 -12.46 -11.31 -3.32
C THR A 95 -13.84 -11.65 -3.86
N PRO A 96 -13.98 -11.83 -5.17
CA PRO A 96 -15.28 -12.26 -5.70
C PRO A 96 -15.75 -13.58 -5.12
N GLU A 97 -14.82 -14.54 -4.93
CA GLU A 97 -15.19 -15.79 -4.28
C GLU A 97 -16.00 -15.54 -3.03
N GLY A 98 -15.50 -14.67 -2.16
CA GLY A 98 -16.11 -14.44 -0.86
C GLY A 98 -17.37 -13.62 -0.93
N VAL A 99 -17.35 -12.54 -1.72
CA VAL A 99 -18.53 -11.70 -1.86
C VAL A 99 -19.70 -12.51 -2.40
N ALA A 100 -19.43 -13.37 -3.38
CA ALA A 100 -20.47 -14.26 -3.90
C ALA A 100 -20.97 -15.19 -2.80
N ARG A 101 -20.05 -15.85 -2.10
CA ARG A 101 -20.42 -16.78 -1.04
C ARG A 101 -21.10 -16.12 0.14
N ARG A 102 -21.21 -14.80 0.15
CA ARG A 102 -21.86 -14.08 1.23
C ARG A 102 -23.17 -13.40 0.83
N TYR A 103 -23.29 -12.92 -0.42
CA TYR A 103 -24.42 -12.09 -0.80
C TYR A 103 -25.26 -12.71 -1.93
N GLY A 104 -25.10 -14.00 -2.19
CA GLY A 104 -26.08 -14.73 -2.98
C GLY A 104 -25.67 -15.12 -4.40
N GLY A 105 -24.53 -15.79 -4.55
CA GLY A 105 -24.14 -16.27 -5.86
C GLY A 105 -22.93 -17.18 -5.77
N GLU A 106 -22.34 -17.44 -6.93
CA GLU A 106 -21.13 -18.25 -7.00
C GLU A 106 -20.22 -17.72 -8.09
N TRP A 107 -18.96 -17.47 -7.75
CA TRP A 107 -17.96 -17.00 -8.69
C TRP A 107 -17.42 -18.21 -9.46
N THR A 108 -17.68 -18.25 -10.76
CA THR A 108 -17.26 -19.34 -11.62
C THR A 108 -16.18 -18.81 -12.57
N GLU A 109 -15.99 -19.51 -13.69
CA GLU A 109 -15.00 -19.10 -14.69
C GLU A 109 -15.65 -18.92 -16.06
N GLU A 110 -16.93 -18.55 -16.09
CA GLU A 110 -17.67 -18.34 -17.33
C GLU A 110 -18.21 -16.92 -17.37
N ALA A 111 -17.97 -16.23 -18.48
CA ALA A 111 -18.28 -14.80 -18.56
C ALA A 111 -19.77 -14.55 -18.33
N GLY A 112 -20.63 -15.29 -19.02
CA GLY A 112 -22.06 -15.08 -18.88
C GLY A 112 -22.53 -15.21 -17.45
N GLU A 113 -22.03 -16.21 -16.73
CA GLU A 113 -22.37 -16.36 -15.31
C GLU A 113 -21.86 -15.18 -14.51
N ARG A 114 -20.60 -14.78 -14.73
CA ARG A 114 -20.05 -13.64 -14.02
C ARG A 114 -20.86 -12.38 -14.27
N ALA A 115 -21.35 -12.20 -15.50
CA ALA A 115 -22.21 -11.06 -15.79
C ALA A 115 -23.54 -11.18 -15.04
N ALA A 116 -24.15 -12.37 -15.05
CA ALA A 116 -25.39 -12.57 -14.30
C ALA A 116 -25.13 -12.39 -12.81
N LEU A 117 -24.01 -12.91 -12.31
CA LEU A 117 -23.64 -12.72 -10.91
C LEU A 117 -23.51 -11.23 -10.60
N SER A 118 -22.77 -10.49 -11.43
CA SER A 118 -22.61 -9.06 -11.20
C SER A 118 -23.96 -8.36 -11.04
N GLU A 119 -24.92 -8.74 -11.89
CA GLU A 119 -26.23 -8.10 -11.84
C GLU A 119 -26.94 -8.36 -10.51
N ARG A 120 -26.90 -9.60 -10.04
CA ARG A 120 -27.61 -9.95 -8.80
C ARG A 120 -26.89 -9.39 -7.58
N LEU A 121 -25.56 -9.43 -7.58
CA LEU A 121 -24.82 -8.91 -6.44
C LEU A 121 -24.97 -7.40 -6.32
N PHE A 122 -24.99 -6.67 -7.46
CA PHE A 122 -25.19 -5.23 -7.37
C PHE A 122 -26.55 -4.91 -6.77
N ALA A 123 -27.61 -5.53 -7.31
CA ALA A 123 -28.95 -5.28 -6.79
C ALA A 123 -29.01 -5.53 -5.29
N ASN A 124 -28.38 -6.60 -4.81
CA ASN A 124 -28.42 -6.93 -3.40
C ASN A 124 -27.62 -5.92 -2.57
N LEU A 125 -26.34 -5.75 -2.89
CA LEU A 125 -25.48 -4.87 -2.09
C LEU A 125 -26.00 -3.43 -2.13
N TRP A 126 -26.42 -2.95 -3.30
CA TRP A 126 -27.02 -1.62 -3.35
C TRP A 126 -28.21 -1.51 -2.42
N GLY A 127 -28.97 -2.60 -2.29
CA GLY A 127 -30.07 -2.61 -1.33
C GLY A 127 -29.60 -2.55 0.11
N ARG A 128 -28.49 -3.24 0.42
CA ARG A 128 -27.96 -3.20 1.77
C ARG A 128 -27.42 -1.82 2.13
N LEU A 129 -27.04 -1.04 1.14
CA LEU A 129 -26.50 0.30 1.37
C LEU A 129 -27.58 1.38 1.35
N GLU A 130 -28.83 1.02 1.06
CA GLU A 130 -29.91 1.99 1.17
C GLU A 130 -30.00 2.48 2.62
N GLY A 131 -29.77 3.78 2.82
CA GLY A 131 -29.77 4.37 4.14
C GLY A 131 -28.40 4.59 4.71
N GLU A 132 -27.37 3.97 4.15
CA GLU A 132 -25.99 4.17 4.59
C GLU A 132 -25.38 5.33 3.80
N GLU A 133 -25.85 6.54 4.14
CA GLU A 133 -25.57 7.69 3.28
C GLU A 133 -24.09 8.06 3.30
N ARG A 134 -23.37 7.76 4.38
CA ARG A 134 -21.94 8.05 4.40
C ARG A 134 -21.18 7.06 3.54
N LEU A 135 -21.52 5.77 3.62
CA LEU A 135 -20.92 4.79 2.73
C LEU A 135 -21.33 5.03 1.28
N LEU A 136 -22.54 5.53 1.05
CA LEU A 136 -22.94 5.88 -0.31
C LEU A 136 -22.18 7.10 -0.81
N TRP A 137 -21.94 8.08 0.05
CA TRP A 137 -21.08 9.19 -0.33
C TRP A 137 -19.70 8.69 -0.71
N LEU A 138 -19.07 7.88 0.15
CA LEU A 138 -17.76 7.33 -0.17
C LEU A 138 -17.78 6.58 -1.49
N TYR A 139 -18.87 5.87 -1.79
CA TYR A 139 -18.94 5.10 -3.02
C TYR A 139 -19.00 6.03 -4.24
N ARG A 140 -19.88 7.02 -4.21
CA ARG A 140 -20.09 7.89 -5.36
C ARG A 140 -18.97 8.90 -5.53
N GLU A 141 -18.42 9.41 -4.43
CA GLU A 141 -17.48 10.51 -4.49
C GLU A 141 -16.03 10.07 -4.39
N VAL A 142 -15.76 8.83 -3.98
CA VAL A 142 -14.38 8.38 -3.82
C VAL A 142 -14.13 7.10 -4.63
N GLU A 143 -14.75 5.98 -4.22
CA GLU A 143 -14.31 4.69 -4.74
C GLU A 143 -14.65 4.52 -6.22
N ARG A 144 -15.91 4.76 -6.61
CA ARG A 144 -16.26 4.54 -8.01
C ARG A 144 -15.47 5.46 -8.95
N PRO A 145 -15.38 6.77 -8.69
CA PRO A 145 -14.53 7.59 -9.57
C PRO A 145 -13.06 7.21 -9.49
N LEU A 146 -12.57 6.83 -8.30
CA LEU A 146 -11.18 6.43 -8.16
C LEU A 146 -10.84 5.25 -9.07
N SER A 147 -11.78 4.31 -9.24
CA SER A 147 -11.47 3.13 -10.04
C SER A 147 -11.09 3.54 -11.46
N ALA A 148 -11.68 4.60 -12.00
CA ALA A 148 -11.27 5.13 -13.29
C ALA A 148 -9.84 5.64 -13.24
N VAL A 149 -9.48 6.35 -12.17
CA VAL A 149 -8.13 6.88 -12.02
C VAL A 149 -7.12 5.73 -12.03
N LEU A 150 -7.36 4.72 -11.22
CA LEU A 150 -6.43 3.59 -11.12
C LEU A 150 -6.30 2.87 -12.46
N ALA A 151 -7.40 2.71 -13.19
CA ALA A 151 -7.32 2.06 -14.49
C ALA A 151 -6.34 2.79 -15.39
N HIS A 152 -6.34 4.12 -15.36
CA HIS A 152 -5.42 4.90 -16.17
C HIS A 152 -3.99 4.72 -15.69
N MET A 153 -3.77 4.80 -14.38
CA MET A 153 -2.42 4.59 -13.84
C MET A 153 -1.89 3.22 -14.24
N GLU A 154 -2.71 2.17 -14.08
CA GLU A 154 -2.25 0.82 -14.41
C GLU A 154 -1.89 0.70 -15.89
N ALA A 155 -2.69 1.30 -16.77
CA ALA A 155 -2.43 1.19 -18.20
C ALA A 155 -1.25 2.04 -18.65
N THR A 156 -0.91 3.10 -17.89
CA THR A 156 0.18 3.98 -18.28
C THR A 156 1.54 3.36 -17.98
N GLY A 157 1.71 2.83 -16.76
CA GLY A 157 2.97 2.25 -16.36
C GLY A 157 4.01 3.29 -16.00
N VAL A 158 5.19 2.80 -15.65
CA VAL A 158 6.32 3.63 -15.28
C VAL A 158 7.54 3.15 -16.05
N ARG A 159 8.40 4.08 -16.44
CA ARG A 159 9.61 3.72 -17.16
C ARG A 159 10.69 3.26 -16.21
N LEU A 160 11.44 2.26 -16.62
CA LEU A 160 12.49 1.64 -15.82
C LEU A 160 13.79 1.63 -16.60
N ASP A 161 14.90 1.95 -15.94
CA ASP A 161 16.21 1.87 -16.59
C ASP A 161 16.67 0.42 -16.49
N VAL A 162 16.34 -0.36 -17.51
CA VAL A 162 16.57 -1.80 -17.47
C VAL A 162 18.07 -2.10 -17.53
N ALA A 163 18.77 -1.51 -18.51
CA ALA A 163 20.20 -1.77 -18.65
C ALA A 163 20.93 -1.48 -17.34
N TYR A 164 20.50 -0.43 -16.65
CA TYR A 164 21.07 -0.06 -15.35
C TYR A 164 20.90 -1.19 -14.33
N LEU A 165 19.68 -1.71 -14.20
CA LEU A 165 19.43 -2.77 -13.22
C LEU A 165 20.13 -4.07 -13.60
N ARG A 166 20.23 -4.38 -14.90
CA ARG A 166 21.00 -5.55 -15.31
C ARG A 166 22.44 -5.45 -14.84
N ALA A 167 23.07 -4.29 -15.05
CA ALA A 167 24.44 -4.08 -14.58
C ALA A 167 24.50 -4.18 -13.06
N LEU A 168 23.53 -3.58 -12.37
CA LEU A 168 23.52 -3.65 -10.91
C LEU A 168 23.42 -5.09 -10.42
N SER A 169 22.62 -5.92 -11.10
CA SER A 169 22.52 -7.32 -10.73
C SER A 169 23.88 -7.98 -10.66
N LEU A 170 24.78 -7.63 -11.57
CA LEU A 170 26.11 -8.27 -11.58
C LEU A 170 26.97 -7.72 -10.45
N GLU A 171 26.95 -6.41 -10.23
N GLU A 171 26.96 -6.42 -10.24
CA GLU A 171 27.71 -5.83 -9.13
CA GLU A 171 27.72 -5.85 -9.13
C GLU A 171 27.26 -6.41 -7.79
C GLU A 171 27.27 -6.44 -7.80
N VAL A 172 25.95 -6.58 -7.62
CA VAL A 172 25.43 -7.13 -6.37
C VAL A 172 25.80 -8.60 -6.24
N ALA A 173 25.71 -9.35 -7.34
CA ALA A 173 26.03 -10.77 -7.31
C ALA A 173 27.46 -11.00 -6.83
N GLU A 174 28.39 -10.19 -7.30
CA GLU A 174 29.78 -10.36 -6.90
C GLU A 174 29.94 -10.13 -5.40
N GLU A 175 29.22 -9.16 -4.85
CA GLU A 175 29.29 -8.90 -3.42
C GLU A 175 28.60 -10.00 -2.63
N ILE A 176 27.52 -10.57 -3.18
CA ILE A 176 26.85 -11.69 -2.51
C ILE A 176 27.81 -12.86 -2.37
N ALA A 177 28.52 -13.21 -3.45
CA ALA A 177 29.43 -14.34 -3.40
C ALA A 177 30.59 -14.10 -2.45
N ARG A 178 31.04 -12.84 -2.32
CA ARG A 178 32.07 -12.51 -1.33
C ARG A 178 31.54 -12.73 0.08
N LEU A 179 30.34 -12.22 0.38
CA LEU A 179 29.76 -12.38 1.70
C LEU A 179 29.54 -13.86 2.02
N GLU A 180 28.97 -14.61 1.07
CA GLU A 180 28.78 -16.05 1.29
C GLU A 180 30.11 -16.72 1.61
N ALA A 181 31.15 -16.40 0.85
CA ALA A 181 32.46 -17.00 1.08
C ALA A 181 32.94 -16.75 2.50
N GLU A 182 32.81 -15.51 2.98
CA GLU A 182 33.21 -15.21 4.35
C GLU A 182 32.33 -15.95 5.35
N VAL A 183 31.03 -16.11 5.05
CA VAL A 183 30.16 -16.85 5.95
C VAL A 183 30.58 -18.32 6.02
N PHE A 184 30.68 -18.97 4.86
CA PHE A 184 31.11 -20.37 4.85
C PHE A 184 32.40 -20.55 5.62
N ARG A 185 33.31 -19.59 5.50
CA ARG A 185 34.59 -19.68 6.20
C ARG A 185 34.37 -19.64 7.71
N LEU A 186 33.59 -18.67 8.18
CA LEU A 186 33.34 -18.54 9.61
C LEU A 186 32.65 -19.79 10.16
N ALA A 187 31.64 -20.31 9.45
CA ALA A 187 30.94 -21.50 9.91
C ALA A 187 31.79 -22.76 9.83
N GLY A 188 32.87 -22.75 9.06
CA GLY A 188 33.72 -23.91 8.90
C GLY A 188 33.31 -24.87 7.81
N HIS A 189 32.21 -24.61 7.12
CA HIS A 189 31.72 -25.48 6.06
C HIS A 189 30.61 -24.75 5.31
N PRO A 190 30.34 -25.14 4.07
CA PRO A 190 29.23 -24.52 3.35
C PRO A 190 27.89 -25.14 3.74
N PHE A 191 26.84 -24.40 3.44
CA PHE A 191 25.45 -24.79 3.65
C PHE A 191 24.63 -23.78 2.89
N ASN A 192 23.31 -23.94 2.90
CA ASN A 192 22.43 -23.01 2.20
C ASN A 192 22.08 -21.86 3.14
N LEU A 193 22.71 -20.70 2.92
CA LEU A 193 22.38 -19.51 3.70
C LEU A 193 20.92 -19.15 3.58
N ASN A 194 20.29 -19.44 2.43
CA ASN A 194 18.90 -19.07 2.22
C ASN A 194 17.93 -19.93 3.00
N SER A 195 18.39 -21.05 3.55
CA SER A 195 17.54 -21.94 4.35
C SER A 195 17.70 -21.56 5.81
N ARG A 196 16.65 -20.98 6.39
CA ARG A 196 16.73 -20.56 7.78
C ARG A 196 16.85 -21.77 8.71
N ASP A 197 16.33 -22.92 8.30
CA ASP A 197 16.52 -24.13 9.09
C ASP A 197 17.99 -24.49 9.22
N GLN A 198 18.73 -24.48 8.11
CA GLN A 198 20.15 -24.79 8.17
C GLN A 198 20.90 -23.72 8.93
N LEU A 199 20.57 -22.45 8.72
CA LEU A 199 21.22 -21.36 9.45
C LEU A 199 20.99 -21.51 10.96
N GLU A 200 19.77 -21.85 11.36
CA GLU A 200 19.47 -22.04 12.77
C GLU A 200 20.45 -23.03 13.40
N ARG A 201 20.63 -24.18 12.76
CA ARG A 201 21.52 -25.20 13.30
C ARG A 201 22.96 -24.69 13.39
N VAL A 202 23.39 -23.90 12.41
CA VAL A 202 24.76 -23.39 12.41
C VAL A 202 24.96 -22.39 13.54
N LEU A 203 24.03 -21.44 13.66
CA LEU A 203 24.21 -20.35 14.63
C LEU A 203 24.08 -20.86 16.06
N PHE A 204 23.05 -21.67 16.33
CA PHE A 204 22.66 -22.00 17.69
C PHE A 204 23.11 -23.38 18.15
N ASP A 205 23.34 -24.31 17.22
CA ASP A 205 23.86 -25.63 17.58
C ASP A 205 25.36 -25.75 17.34
N GLU A 206 25.78 -25.61 16.08
CA GLU A 206 27.21 -25.74 15.76
C GLU A 206 28.01 -24.66 16.48
N LEU A 207 27.76 -23.40 16.14
CA LEU A 207 28.23 -22.31 16.99
C LEU A 207 27.46 -22.35 18.30
N GLY A 208 27.90 -21.53 19.26
CA GLY A 208 27.32 -21.57 20.58
C GLY A 208 26.38 -20.41 20.86
N LEU A 209 25.87 -19.78 19.81
CA LEU A 209 25.15 -18.53 19.97
C LEU A 209 23.84 -18.77 20.74
N PRO A 210 23.42 -17.81 21.57
CA PRO A 210 22.15 -17.96 22.29
C PRO A 210 20.98 -17.53 21.43
N ALA A 211 19.88 -18.27 21.53
CA ALA A 211 18.66 -17.96 20.78
C ALA A 211 17.82 -16.96 21.57
N ILE A 212 17.64 -15.77 21.00
CA ILE A 212 16.86 -14.72 21.66
C ILE A 212 15.38 -15.09 21.68
N GLY A 213 14.89 -15.69 20.59
CA GLY A 213 13.45 -15.85 20.43
C GLY A 213 13.12 -17.01 19.51
N LYS A 214 11.81 -17.27 19.42
CA LYS A 214 11.28 -18.40 18.68
C LYS A 214 10.22 -17.94 17.70
N THR A 215 10.00 -18.77 16.68
CA THR A 215 9.03 -18.48 15.62
C THR A 215 7.61 -18.86 16.07
N GLU A 216 6.62 -18.23 15.44
CA GLU A 216 5.25 -18.29 15.92
C GLU A 216 4.65 -19.68 15.75
N LYS A 217 4.52 -20.15 14.51
CA LYS A 217 3.71 -21.33 14.22
C LYS A 217 4.41 -22.63 14.61
N THR A 218 5.74 -22.71 14.44
CA THR A 218 6.46 -23.96 14.62
C THR A 218 7.44 -23.94 15.78
N GLY A 219 7.73 -22.78 16.38
CA GLY A 219 8.58 -22.75 17.55
C GLY A 219 10.04 -23.08 17.30
N LYS A 220 10.54 -22.86 16.10
CA LYS A 220 11.97 -22.93 15.84
C LYS A 220 12.66 -21.71 16.44
N ARG A 221 13.97 -21.85 16.67
CA ARG A 221 14.76 -20.71 17.10
C ARG A 221 14.91 -19.72 15.95
N SER A 222 14.46 -18.48 16.17
CA SER A 222 14.38 -17.49 15.11
C SER A 222 15.77 -17.04 14.66
N THR A 223 15.88 -16.72 13.37
CA THR A 223 17.05 -16.09 12.79
C THR A 223 16.72 -14.71 12.23
N SER A 224 15.66 -14.10 12.72
CA SER A 224 15.23 -12.79 12.22
C SER A 224 16.30 -11.74 12.47
N ALA A 225 16.22 -10.67 11.68
CA ALA A 225 17.14 -9.55 11.84
C ALA A 225 17.14 -9.03 13.28
N ALA A 226 15.96 -8.92 13.88
CA ALA A 226 15.87 -8.45 15.26
C ALA A 226 16.70 -9.34 16.18
N VAL A 227 16.52 -10.65 16.07
CA VAL A 227 17.34 -11.60 16.81
C VAL A 227 18.82 -11.41 16.46
N LEU A 228 19.14 -11.37 15.17
CA LEU A 228 20.53 -11.24 14.77
C LEU A 228 21.12 -9.91 15.22
N GLU A 229 20.34 -8.83 15.14
CA GLU A 229 20.78 -7.56 15.70
C GLU A 229 21.18 -7.74 17.16
N ALA A 230 20.42 -8.57 17.89
CA ALA A 230 20.78 -8.86 19.27
C ALA A 230 22.10 -9.60 19.38
N LEU A 231 22.52 -10.30 18.32
CA LEU A 231 23.80 -11.00 18.30
C LEU A 231 24.84 -10.29 17.44
N ARG A 232 24.67 -8.99 17.18
CA ARG A 232 25.50 -8.29 16.21
C ARG A 232 26.97 -8.38 16.58
N GLU A 233 27.30 -8.10 17.83
CA GLU A 233 28.66 -8.27 18.34
C GLU A 233 28.83 -9.58 19.09
N ALA A 234 27.76 -10.35 19.26
CA ALA A 234 27.88 -11.68 19.84
C ALA A 234 28.80 -12.56 19.01
N HIS A 235 28.95 -12.26 17.71
CA HIS A 235 29.83 -13.00 16.82
C HIS A 235 29.84 -12.32 15.45
N PRO A 236 31.01 -12.14 14.82
CA PRO A 236 31.03 -11.40 13.54
C PRO A 236 30.16 -11.99 12.46
N ILE A 237 30.14 -13.32 12.29
CA ILE A 237 29.38 -13.98 11.23
C ILE A 237 27.99 -13.34 11.12
N VAL A 238 27.42 -12.99 12.26
CA VAL A 238 26.10 -12.37 12.27
C VAL A 238 26.09 -11.13 11.37
N GLU A 239 27.13 -10.30 11.50
CA GLU A 239 27.21 -9.09 10.69
C GLU A 239 27.20 -9.41 9.20
N LYS A 240 27.91 -10.46 8.79
CA LYS A 240 27.92 -10.83 7.37
C LYS A 240 26.59 -11.44 6.96
N ILE A 241 25.97 -12.21 7.85
CA ILE A 241 24.64 -12.74 7.58
C ILE A 241 23.67 -11.61 7.28
N LEU A 242 23.70 -10.57 8.12
CA LEU A 242 22.79 -9.45 7.92
C LEU A 242 23.09 -8.74 6.59
N GLN A 243 24.36 -8.64 6.22
CA GLN A 243 24.71 -8.05 4.94
C GLN A 243 24.29 -8.95 3.78
N TYR A 244 24.47 -10.26 3.93
CA TYR A 244 24.03 -11.18 2.89
C TYR A 244 22.51 -11.14 2.73
N ARG A 245 21.77 -11.05 3.84
CA ARG A 245 20.31 -10.97 3.76
C ARG A 245 19.87 -9.77 2.93
N GLU A 246 20.43 -8.59 3.22
CA GLU A 246 19.99 -7.38 2.52
C GLU A 246 20.17 -7.52 1.02
N LEU A 247 21.33 -8.01 0.58
CA LEU A 247 21.62 -8.01 -0.85
C LEU A 247 20.80 -9.07 -1.60
N THR A 248 20.65 -10.26 -1.02
CA THR A 248 19.83 -11.28 -1.68
C THR A 248 18.37 -10.87 -1.68
N LYS A 249 17.92 -10.20 -0.61
CA LYS A 249 16.56 -9.67 -0.57
C LYS A 249 16.31 -8.70 -1.73
N LEU A 250 17.20 -7.72 -1.89
CA LEU A 250 16.99 -6.70 -2.92
C LEU A 250 17.21 -7.27 -4.31
N LYS A 251 18.15 -8.20 -4.46
CA LYS A 251 18.41 -8.78 -5.77
C LYS A 251 17.26 -9.69 -6.20
N SER A 252 16.81 -10.58 -5.31
CA SER A 252 15.79 -11.55 -5.68
C SER A 252 14.41 -10.90 -5.82
N THR A 253 14.14 -9.83 -5.07
CA THR A 253 12.82 -9.23 -5.09
C THR A 253 12.67 -8.09 -6.11
N TYR A 254 13.73 -7.32 -6.37
CA TYR A 254 13.60 -6.13 -7.22
C TYR A 254 14.56 -6.14 -8.41
N ILE A 255 15.87 -6.29 -8.17
CA ILE A 255 16.84 -6.10 -9.25
C ILE A 255 16.58 -7.08 -10.38
N ASP A 256 16.36 -8.35 -10.04
CA ASP A 256 16.28 -9.38 -11.07
C ASP A 256 14.87 -9.49 -11.65
N PRO A 257 13.81 -9.48 -10.85
CA PRO A 257 12.48 -9.68 -11.46
C PRO A 257 12.01 -8.50 -12.29
N LEU A 258 12.27 -7.27 -11.84
CA LEU A 258 11.59 -6.12 -12.44
C LEU A 258 11.94 -5.94 -13.90
N PRO A 259 13.21 -5.98 -14.32
CA PRO A 259 13.51 -5.82 -15.75
C PRO A 259 12.77 -6.79 -16.65
N ASP A 260 12.46 -8.00 -16.18
CA ASP A 260 11.74 -8.97 -17.00
C ASP A 260 10.24 -8.70 -17.08
N LEU A 261 9.74 -7.64 -16.46
CA LEU A 261 8.31 -7.35 -16.47
C LEU A 261 7.96 -6.15 -17.36
N ILE A 262 8.89 -5.66 -18.17
CA ILE A 262 8.58 -4.55 -19.06
C ILE A 262 7.65 -5.05 -20.17
N HIS A 263 6.65 -4.23 -20.49
CA HIS A 263 5.62 -4.73 -21.40
C HIS A 263 6.03 -4.50 -22.85
N PRO A 264 5.77 -5.49 -23.73
CA PRO A 264 6.23 -5.35 -25.13
C PRO A 264 5.71 -4.11 -25.84
N ARG A 265 4.43 -3.78 -25.67
CA ARG A 265 3.82 -2.70 -26.42
C ARG A 265 4.11 -1.33 -25.82
N THR A 266 4.06 -1.22 -24.50
CA THR A 266 4.22 0.08 -23.83
C THR A 266 5.68 0.47 -23.62
N GLY A 267 6.57 -0.51 -23.49
CA GLY A 267 7.92 -0.24 -23.06
C GLY A 267 8.06 0.11 -21.59
N ARG A 268 7.00 -0.04 -20.79
CA ARG A 268 7.01 0.39 -19.41
C ARG A 268 6.59 -0.77 -18.48
N LEU A 269 6.70 -0.49 -17.19
CA LEU A 269 6.40 -1.45 -16.13
C LEU A 269 5.02 -1.13 -15.57
N HIS A 270 4.17 -2.15 -15.41
CA HIS A 270 2.78 -1.96 -15.02
C HIS A 270 2.47 -2.74 -13.75
N THR A 271 2.14 -2.02 -12.68
CA THR A 271 1.63 -2.63 -11.47
C THR A 271 0.11 -2.71 -11.53
N ARG A 272 -0.48 -3.30 -10.49
CA ARG A 272 -1.92 -3.30 -10.29
C ARG A 272 -2.20 -2.62 -8.96
N PHE A 273 -3.19 -1.72 -8.94
CA PHE A 273 -3.59 -1.04 -7.70
C PHE A 273 -4.91 -1.67 -7.24
N ASN A 274 -4.79 -2.59 -6.30
CA ASN A 274 -5.93 -3.37 -5.81
C ASN A 274 -6.76 -2.50 -4.87
N GLN A 275 -8.05 -2.36 -5.17
CA GLN A 275 -8.89 -1.38 -4.51
C GLN A 275 -9.70 -1.96 -3.35
N THR A 276 -9.79 -3.28 -3.22
CA THR A 276 -10.53 -3.90 -2.12
C THR A 276 -9.67 -4.99 -1.47
N ALA A 277 -8.53 -4.57 -0.92
CA ALA A 277 -7.53 -5.50 -0.45
C ALA A 277 -7.11 -5.29 1.00
N THR A 278 -7.45 -4.16 1.63
CA THR A 278 -6.97 -3.83 2.96
C THR A 278 -8.13 -3.57 3.91
N ALA A 279 -7.87 -3.80 5.20
CA ALA A 279 -8.89 -3.62 6.22
C ALA A 279 -9.12 -2.15 6.59
N THR A 280 -8.22 -1.25 6.20
CA THR A 280 -8.26 0.14 6.63
C THR A 280 -8.74 1.12 5.56
N GLY A 281 -8.88 0.68 4.31
CA GLY A 281 -9.18 1.59 3.22
C GLY A 281 -8.00 1.95 2.35
N ARG A 282 -6.79 1.53 2.73
CA ARG A 282 -5.64 1.74 1.88
C ARG A 282 -5.78 0.96 0.57
N LEU A 283 -5.11 1.44 -0.47
CA LEU A 283 -4.86 0.62 -1.63
C LEU A 283 -3.76 -0.39 -1.31
N SER A 284 -3.62 -1.38 -2.19
CA SER A 284 -2.42 -2.19 -2.23
C SER A 284 -1.94 -2.26 -3.68
N SER A 285 -0.73 -2.78 -3.85
CA SER A 285 -0.10 -2.86 -5.15
C SER A 285 0.51 -4.24 -5.33
N SER A 286 0.35 -4.83 -6.52
CA SER A 286 0.84 -6.18 -6.74
C SER A 286 1.17 -6.40 -8.22
N ASP A 287 2.02 -7.39 -8.46
CA ASP A 287 2.30 -7.96 -9.77
C ASP A 287 2.90 -6.95 -10.74
N PRO A 288 3.98 -6.26 -10.40
CA PRO A 288 4.71 -6.30 -9.13
C PRO A 288 4.25 -5.22 -8.16
N ASN A 289 4.48 -5.44 -6.88
CA ASN A 289 4.25 -4.41 -5.87
C ASN A 289 5.22 -3.26 -6.08
N LEU A 290 4.71 -2.09 -6.45
CA LEU A 290 5.53 -0.88 -6.55
C LEU A 290 5.33 0.04 -5.35
N GLN A 291 4.70 -0.45 -4.30
CA GLN A 291 4.57 0.29 -3.05
C GLN A 291 5.61 -0.11 -2.01
N ASN A 292 6.52 -1.02 -2.33
CA ASN A 292 7.61 -1.37 -1.43
C ASN A 292 8.93 -1.41 -2.17
N ILE A 293 9.11 -0.52 -3.13
CA ILE A 293 10.41 -0.36 -3.80
C ILE A 293 11.42 0.19 -2.81
N PRO A 294 12.64 -0.35 -2.75
CA PRO A 294 13.61 0.10 -1.73
C PRO A 294 13.89 1.59 -1.79
N VAL A 295 14.26 2.15 -0.63
CA VAL A 295 14.60 3.56 -0.52
C VAL A 295 15.61 3.81 0.60
N ARG A 296 15.59 2.94 1.62
CA ARG A 296 16.27 3.25 2.87
C ARG A 296 17.78 3.16 2.74
N THR A 297 18.29 2.08 2.14
CA THR A 297 19.72 1.80 2.15
C THR A 297 20.39 2.36 0.89
N PRO A 298 21.72 2.46 0.90
CA PRO A 298 22.40 2.96 -0.32
C PRO A 298 22.14 2.08 -1.54
N LEU A 299 22.14 0.76 -1.38
CA LEU A 299 21.77 -0.09 -2.51
C LEU A 299 20.30 0.11 -2.87
N GLY A 300 19.43 0.22 -1.88
CA GLY A 300 18.03 0.46 -2.17
C GLY A 300 17.82 1.73 -2.96
N GLN A 301 18.53 2.80 -2.59
CA GLN A 301 18.45 4.05 -3.33
C GLN A 301 18.88 3.85 -4.78
N ARG A 302 19.89 3.01 -5.02
CA ARG A 302 20.32 2.74 -6.39
C ARG A 302 19.22 2.06 -7.18
N ILE A 303 18.46 1.18 -6.54
CA ILE A 303 17.35 0.51 -7.22
C ILE A 303 16.27 1.52 -7.58
N ARG A 304 15.99 2.45 -6.66
CA ARG A 304 14.91 3.40 -6.89
C ARG A 304 15.26 4.34 -8.04
N ARG A 305 16.54 4.68 -8.21
CA ARG A 305 16.97 5.51 -9.33
C ARG A 305 16.63 4.90 -10.68
N ALA A 306 16.31 3.60 -10.73
CA ALA A 306 15.96 2.96 -11.99
C ALA A 306 14.60 3.39 -12.51
N PHE A 307 13.74 3.94 -11.65
CA PHE A 307 12.42 4.41 -12.08
C PHE A 307 12.58 5.84 -12.57
N ILE A 308 12.39 6.03 -13.87
CA ILE A 308 12.81 7.26 -14.54
C ILE A 308 11.67 7.79 -15.40
N ALA A 309 11.82 9.04 -15.83
CA ALA A 309 10.84 9.70 -16.68
C ALA A 309 11.13 9.41 -18.15
N GLU A 310 10.06 9.25 -18.93
CA GLU A 310 10.19 9.23 -20.37
C GLU A 310 11.01 10.43 -20.84
N GLU A 311 11.72 10.25 -21.96
CA GLU A 311 12.51 11.33 -22.53
C GLU A 311 11.63 12.52 -22.86
N GLY A 312 12.02 13.69 -22.37
CA GLY A 312 11.24 14.90 -22.53
C GLY A 312 10.27 15.18 -21.41
N TRP A 313 10.24 14.33 -20.37
CA TRP A 313 9.37 14.46 -19.23
C TRP A 313 10.18 14.48 -17.94
N LEU A 314 9.50 14.77 -16.84
CA LEU A 314 10.09 14.71 -15.51
C LEU A 314 9.10 14.06 -14.55
N LEU A 315 9.64 13.36 -13.55
CA LEU A 315 8.81 12.84 -12.47
C LEU A 315 8.58 13.93 -11.44
N VAL A 316 7.35 13.98 -10.92
CA VAL A 316 7.00 14.82 -9.78
C VAL A 316 6.56 13.90 -8.66
N ALA A 317 7.26 13.97 -7.52
CA ALA A 317 6.92 13.17 -6.34
C ALA A 317 6.36 14.07 -5.26
N LEU A 318 5.17 13.73 -4.78
CA LEU A 318 4.50 14.46 -3.70
C LEU A 318 4.24 13.50 -2.54
N ASP A 319 4.52 13.95 -1.31
CA ASP A 319 4.33 13.13 -0.13
C ASP A 319 3.84 13.99 1.03
N TYR A 320 2.73 13.59 1.64
CA TYR A 320 2.18 14.33 2.77
C TYR A 320 3.13 14.32 3.96
N SER A 321 3.16 15.42 4.70
CA SER A 321 4.01 15.54 5.87
C SER A 321 3.33 14.95 7.10
N GLN A 322 4.06 14.07 7.80
CA GLN A 322 3.64 13.52 9.09
C GLN A 322 2.15 13.20 9.09
N ILE A 323 1.71 12.46 8.07
CA ILE A 323 0.30 12.51 7.72
C ILE A 323 -0.57 11.98 8.86
N GLU A 324 -0.28 10.77 9.36
CA GLU A 324 -1.15 10.22 10.39
C GLU A 324 -1.07 11.00 11.70
N LEU A 325 0.00 11.76 11.94
CA LEU A 325 0.05 12.60 13.13
C LEU A 325 -0.85 13.82 12.99
N ARG A 326 -0.92 14.40 11.80
CA ARG A 326 -1.89 15.48 11.56
C ARG A 326 -3.31 14.96 11.68
N VAL A 327 -3.58 13.80 11.07
CA VAL A 327 -4.88 13.17 11.20
C VAL A 327 -5.23 12.97 12.68
N LEU A 328 -4.28 12.44 13.45
CA LEU A 328 -4.52 12.22 14.87
C LEU A 328 -4.90 13.53 15.56
N ALA A 329 -4.19 14.61 15.24
CA ALA A 329 -4.54 15.91 15.78
C ALA A 329 -6.00 16.24 15.51
N HIS A 330 -6.44 16.05 14.26
CA HIS A 330 -7.81 16.38 13.91
C HIS A 330 -8.81 15.44 14.56
N LEU A 331 -8.52 14.14 14.57
CA LEU A 331 -9.45 13.17 15.13
C LEU A 331 -9.60 13.35 16.62
N SER A 332 -8.48 13.50 17.33
CA SER A 332 -8.55 13.59 18.79
C SER A 332 -9.00 14.97 19.24
N GLY A 333 -8.76 16.00 18.45
CA GLY A 333 -8.97 17.35 18.92
C GLY A 333 -8.02 17.73 20.02
N ASP A 334 -6.83 17.13 20.06
CA ASP A 334 -5.83 17.50 21.05
C ASP A 334 -5.34 18.90 20.75
N GLU A 335 -5.61 19.84 21.65
CA GLU A 335 -5.15 21.20 21.45
C GLU A 335 -3.63 21.26 21.35
N ASN A 336 -2.93 20.40 22.09
CA ASN A 336 -1.47 20.45 22.10
C ASN A 336 -0.89 19.94 20.79
N LEU A 337 -1.40 18.80 20.30
CA LEU A 337 -0.91 18.26 19.03
C LEU A 337 -1.21 19.20 17.89
N ILE A 338 -2.43 19.75 17.86
CA ILE A 338 -2.81 20.71 16.83
C ILE A 338 -1.82 21.87 16.80
N ARG A 339 -1.46 22.39 17.98
CA ARG A 339 -0.54 23.52 18.04
C ARG A 339 0.81 23.17 17.43
N VAL A 340 1.25 21.91 17.58
CA VAL A 340 2.52 21.50 17.00
C VAL A 340 2.55 21.79 15.50
N PHE A 341 1.44 21.52 14.83
CA PHE A 341 1.39 21.69 13.38
C PHE A 341 1.04 23.11 12.96
N GLN A 342 0.29 23.83 13.78
CA GLN A 342 0.12 25.26 13.53
C GLN A 342 1.42 26.01 13.77
N GLU A 343 2.26 25.52 14.67
CA GLU A 343 3.62 26.03 14.86
C GLU A 343 4.59 25.50 13.82
N GLY A 344 4.17 24.58 12.96
CA GLY A 344 5.04 24.05 11.92
C GLY A 344 6.23 23.25 12.44
N ARG A 345 6.07 22.56 13.57
CA ARG A 345 7.11 21.68 14.06
C ARG A 345 7.08 20.34 13.32
N ASP A 346 8.13 19.54 13.53
CA ASP A 346 8.28 18.24 12.89
C ASP A 346 8.64 17.23 13.97
N ILE A 347 7.71 16.32 14.28
CA ILE A 347 7.89 15.42 15.42
C ILE A 347 8.87 14.30 15.08
N HIS A 348 8.98 13.90 13.81
CA HIS A 348 9.93 12.86 13.45
C HIS A 348 11.36 13.33 13.66
N THR A 349 11.72 14.49 13.10
CA THR A 349 13.08 15.00 13.27
C THR A 349 13.38 15.32 14.73
N GLU A 350 12.34 15.62 15.53
CA GLU A 350 12.55 15.95 16.93
C GLU A 350 12.78 14.70 17.77
N THR A 351 12.00 13.64 17.51
CA THR A 351 12.33 12.34 18.07
C THR A 351 13.72 11.90 17.61
N ALA A 352 14.03 12.10 16.34
CA ALA A 352 15.36 11.75 15.82
C ALA A 352 16.46 12.45 16.61
N SER A 353 16.33 13.77 16.80
CA SER A 353 17.33 14.50 17.57
C SER A 353 17.37 14.02 19.02
N TRP A 354 16.21 13.65 19.57
CA TRP A 354 16.15 12.99 20.87
C TRP A 354 16.97 11.71 20.86
N MET A 355 16.64 10.79 19.95
CA MET A 355 17.24 9.46 19.92
C MET A 355 18.74 9.54 19.72
N PHE A 356 19.17 10.19 18.64
CA PHE A 356 20.55 10.17 18.21
C PHE A 356 21.40 11.25 18.87
N GLY A 357 20.81 12.07 19.75
CA GLY A 357 21.55 13.11 20.43
C GLY A 357 22.27 14.05 19.48
N VAL A 358 21.57 14.50 18.44
CA VAL A 358 22.19 15.35 17.42
C VAL A 358 21.23 16.48 17.06
N PRO A 359 21.77 17.55 16.49
CA PRO A 359 20.92 18.70 16.14
C PRO A 359 20.06 18.40 14.93
N ARG A 360 18.87 19.01 14.92
CA ARG A 360 17.92 18.78 13.83
C ARG A 360 18.54 19.06 12.47
N GLU A 361 19.61 19.86 12.43
CA GLU A 361 20.36 20.05 11.20
C GLU A 361 21.17 18.81 10.83
N ALA A 362 21.37 17.89 11.76
CA ALA A 362 22.16 16.68 11.54
C ALA A 362 21.31 15.42 11.56
N VAL A 363 20.07 15.50 11.13
CA VAL A 363 19.17 14.35 11.06
C VAL A 363 19.09 13.94 9.59
N ASP A 364 19.82 12.88 9.23
CA ASP A 364 19.78 12.36 7.88
C ASP A 364 18.52 11.51 7.70
N PRO A 365 18.22 11.11 6.45
CA PRO A 365 16.99 10.33 6.23
C PRO A 365 16.91 9.06 7.06
N LEU A 366 18.02 8.37 7.30
CA LEU A 366 17.96 7.14 8.09
C LEU A 366 17.50 7.42 9.51
N MET A 367 17.94 8.55 10.07
CA MET A 367 17.55 8.91 11.43
C MET A 367 16.06 9.24 11.52
N ARG A 368 15.52 9.95 10.52
CA ARG A 368 14.08 10.22 10.51
C ARG A 368 13.29 8.91 10.43
N ARG A 369 13.65 8.03 9.49
CA ARG A 369 12.92 6.77 9.35
C ARG A 369 12.99 5.95 10.63
N ALA A 370 14.15 5.96 11.31
CA ALA A 370 14.22 5.33 12.63
C ALA A 370 13.30 6.03 13.62
N ALA A 371 13.19 7.37 13.51
CA ALA A 371 12.33 8.12 14.41
C ALA A 371 10.86 7.89 14.10
N LYS A 372 10.51 7.78 12.81
CA LYS A 372 9.14 7.42 12.45
C LYS A 372 8.70 6.17 13.19
N THR A 373 9.52 5.12 13.10
CA THR A 373 9.12 3.84 13.67
C THR A 373 8.85 3.97 15.16
N ILE A 374 9.67 4.76 15.86
CA ILE A 374 9.45 5.00 17.28
C ILE A 374 8.13 5.74 17.50
N ASN A 375 7.90 6.81 16.74
CA ASN A 375 6.72 7.64 16.95
C ASN A 375 5.43 6.86 16.71
N PHE A 376 5.37 6.13 15.60
CA PHE A 376 4.17 5.34 15.32
C PHE A 376 4.15 4.07 16.15
N GLY A 377 5.31 3.45 16.38
CA GLY A 377 5.36 2.31 17.28
C GLY A 377 4.80 2.62 18.65
N VAL A 378 5.31 3.68 19.27
CA VAL A 378 4.82 4.10 20.57
C VAL A 378 3.34 4.44 20.49
N LEU A 379 2.95 5.18 19.46
CA LEU A 379 1.57 5.64 19.34
C LEU A 379 0.60 4.48 19.33
N TYR A 380 0.92 3.45 18.54
CA TYR A 380 0.00 2.34 18.31
C TYR A 380 0.20 1.18 19.27
N GLY A 381 0.71 1.45 20.47
CA GLY A 381 0.69 0.49 21.55
C GLY A 381 1.95 -0.30 21.79
N MET A 382 3.10 0.12 21.26
CA MET A 382 4.32 -0.63 21.48
C MET A 382 4.62 -0.77 22.96
N SER A 383 5.18 -1.91 23.34
CA SER A 383 5.52 -2.17 24.73
C SER A 383 6.84 -1.51 25.09
N ALA A 384 6.91 -0.99 26.31
CA ALA A 384 8.16 -0.48 26.85
C ALA A 384 9.30 -1.46 26.64
N HIS A 385 9.03 -2.77 26.82
CA HIS A 385 10.08 -3.77 26.71
C HIS A 385 10.74 -3.75 25.33
N ARG A 386 9.92 -3.79 24.27
CA ARG A 386 10.47 -3.69 22.93
C ARG A 386 11.11 -2.33 22.70
N LEU A 387 10.43 -1.26 23.15
CA LEU A 387 10.99 0.08 22.97
C LEU A 387 12.38 0.17 23.58
N SER A 388 12.62 -0.51 24.71
CA SER A 388 13.96 -0.55 25.28
C SER A 388 14.92 -1.27 24.35
N GLN A 389 14.48 -2.39 23.76
CA GLN A 389 15.31 -3.10 22.78
C GLN A 389 15.62 -2.20 21.59
N GLU A 390 14.57 -1.69 20.93
CA GLU A 390 14.77 -0.85 19.75
C GLU A 390 15.68 0.34 20.07
N LEU A 391 15.32 1.12 21.09
CA LEU A 391 16.11 2.29 21.45
C LEU A 391 17.42 1.95 22.15
N ALA A 392 17.65 0.67 22.47
CA ALA A 392 18.87 0.24 23.15
C ALA A 392 19.04 1.01 24.47
N ILE A 393 17.98 1.02 25.26
CA ILE A 393 17.86 1.93 26.40
C ILE A 393 17.09 1.23 27.51
N PRO A 394 17.34 1.54 28.79
CA PRO A 394 16.72 0.77 29.87
C PRO A 394 15.20 0.82 29.85
N TYR A 395 14.59 -0.18 30.52
CA TYR A 395 13.13 -0.26 30.58
C TYR A 395 12.54 0.96 31.26
N GLU A 396 13.21 1.46 32.31
CA GLU A 396 12.71 2.65 33.00
C GLU A 396 12.72 3.86 32.08
N GLU A 397 13.78 4.02 31.28
CA GLU A 397 13.81 5.10 30.30
C GLU A 397 12.70 4.92 29.27
N ALA A 398 12.72 3.79 28.56
CA ALA A 398 11.73 3.55 27.52
C ALA A 398 10.32 3.74 28.03
N GLN A 399 10.04 3.31 29.27
CA GLN A 399 8.71 3.48 29.82
C GLN A 399 8.35 4.96 29.98
N ALA A 400 9.31 5.77 30.41
CA ALA A 400 9.05 7.20 30.56
C ALA A 400 8.98 7.91 29.22
N PHE A 401 9.63 7.39 28.18
CA PHE A 401 9.41 7.90 26.83
C PHE A 401 7.92 7.80 26.49
N ILE A 402 7.33 6.62 26.69
CA ILE A 402 5.89 6.45 26.44
C ILE A 402 5.08 7.39 27.32
N GLU A 403 5.46 7.49 28.60
CA GLU A 403 4.75 8.40 29.50
C GLU A 403 4.79 9.84 28.98
N ARG A 404 5.96 10.28 28.53
CA ARG A 404 6.10 11.63 27.99
C ARG A 404 5.24 11.82 26.75
N TYR A 405 5.44 10.95 25.75
CA TYR A 405 4.67 10.97 24.52
C TYR A 405 3.19 11.23 24.79
N PHE A 406 2.57 10.35 25.58
CA PHE A 406 1.15 10.48 25.86
C PHE A 406 0.84 11.72 26.70
N GLN A 407 1.68 12.00 27.70
CA GLN A 407 1.44 13.18 28.54
C GLN A 407 1.42 14.45 27.70
N SER A 408 2.20 14.48 26.62
CA SER A 408 2.21 15.66 25.74
C SER A 408 0.85 15.90 25.10
N PHE A 409 0.06 14.85 24.89
CA PHE A 409 -1.16 14.93 24.08
C PHE A 409 -2.27 14.14 24.74
N PRO A 410 -2.75 14.59 25.90
CA PRO A 410 -3.70 13.78 26.68
C PRO A 410 -5.02 13.53 25.97
N LYS A 411 -5.46 14.44 25.08
CA LYS A 411 -6.67 14.19 24.33
C LYS A 411 -6.58 12.90 23.52
N VAL A 412 -5.36 12.43 23.24
CA VAL A 412 -5.18 11.24 22.41
C VAL A 412 -5.73 10.01 23.13
N ARG A 413 -5.22 9.74 24.33
CA ARG A 413 -5.64 8.53 25.03
C ARG A 413 -7.14 8.58 25.34
N ALA A 414 -7.70 9.78 25.51
CA ALA A 414 -9.14 9.92 25.60
C ALA A 414 -9.81 9.54 24.29
N TRP A 415 -9.18 9.89 23.16
CA TRP A 415 -9.73 9.47 21.88
C TRP A 415 -9.62 7.96 21.70
N ILE A 416 -8.47 7.39 22.09
CA ILE A 416 -8.30 5.94 21.97
C ILE A 416 -9.40 5.21 22.73
N GLU A 417 -9.70 5.64 23.95
CA GLU A 417 -10.68 4.90 24.74
C GLU A 417 -12.11 5.20 24.27
N LYS A 418 -12.35 6.39 23.72
CA LYS A 418 -13.64 6.64 23.08
C LYS A 418 -13.81 5.75 21.85
N THR A 419 -12.78 5.68 21.01
CA THR A 419 -12.81 4.82 19.84
C THR A 419 -13.11 3.37 20.22
N LEU A 420 -12.37 2.84 21.20
CA LEU A 420 -12.55 1.44 21.58
C LEU A 420 -13.94 1.20 22.16
N GLU A 421 -14.39 2.09 23.05
CA GLU A 421 -15.75 1.98 23.58
C GLU A 421 -16.77 1.94 22.46
N GLU A 422 -16.64 2.86 21.50
CA GLU A 422 -17.53 2.86 20.35
C GLU A 422 -17.42 1.57 19.56
N GLY A 423 -16.20 1.06 19.40
CA GLY A 423 -16.02 -0.18 18.65
C GLY A 423 -16.69 -1.36 19.34
N ARG A 424 -16.62 -1.41 20.67
CA ARG A 424 -17.29 -2.49 21.40
C ARG A 424 -18.80 -2.41 21.25
N ARG A 425 -19.34 -1.19 21.33
CA ARG A 425 -20.78 -1.01 21.28
C ARG A 425 -21.32 -1.33 19.89
N ARG A 426 -20.69 -0.77 18.85
CA ARG A 426 -21.18 -0.92 17.49
C ARG A 426 -20.53 -2.07 16.74
N GLY A 427 -19.46 -2.65 17.25
CA GLY A 427 -18.76 -3.72 16.56
C GLY A 427 -17.78 -3.28 15.51
N TYR A 428 -17.76 -1.99 15.15
CA TYR A 428 -16.83 -1.48 14.16
C TYR A 428 -16.28 -0.14 14.61
N VAL A 429 -15.18 0.24 14.00
CA VAL A 429 -14.62 1.58 14.11
C VAL A 429 -14.78 2.25 12.75
N GLU A 430 -14.56 3.56 12.70
CA GLU A 430 -14.81 4.26 11.45
C GLU A 430 -13.85 5.43 11.26
N THR A 431 -13.65 5.78 10.00
CA THR A 431 -12.80 6.91 9.61
C THR A 431 -13.57 8.22 9.75
N LEU A 432 -12.87 9.31 9.44
CA LEU A 432 -13.51 10.63 9.43
C LEU A 432 -14.71 10.64 8.49
N PHE A 433 -14.60 9.99 7.34
CA PHE A 433 -15.64 9.98 6.34
C PHE A 433 -16.59 8.80 6.48
N GLY A 434 -16.46 8.01 7.55
CA GLY A 434 -17.39 6.93 7.81
C GLY A 434 -17.02 5.57 7.24
N ARG A 435 -15.82 5.39 6.71
CA ARG A 435 -15.38 4.05 6.33
C ARG A 435 -15.27 3.19 7.59
N ARG A 436 -15.74 1.95 7.50
CA ARG A 436 -15.82 1.08 8.66
C ARG A 436 -14.84 -0.08 8.58
N ARG A 437 -14.38 -0.50 9.75
CA ARG A 437 -13.72 -1.78 9.93
C ARG A 437 -14.39 -2.50 11.09
N TYR A 438 -14.87 -3.71 10.85
CA TYR A 438 -15.46 -4.50 11.92
C TYR A 438 -14.36 -5.15 12.74
N VAL A 439 -14.46 -4.99 14.05
CA VAL A 439 -13.42 -5.41 14.99
C VAL A 439 -14.10 -6.22 16.10
N PRO A 440 -14.55 -7.44 15.80
CA PRO A 440 -15.34 -8.21 16.77
C PRO A 440 -14.56 -8.63 18.00
N ASP A 441 -13.23 -8.71 17.94
CA ASP A 441 -12.46 -9.28 19.05
C ASP A 441 -12.20 -8.27 20.16
N LEU A 442 -12.76 -7.07 20.10
CA LEU A 442 -12.63 -6.13 21.20
C LEU A 442 -13.18 -6.69 22.50
N GLU A 443 -14.09 -7.65 22.43
CA GLU A 443 -14.70 -8.25 23.61
C GLU A 443 -14.18 -9.66 23.88
N ALA A 444 -13.07 -10.04 23.26
CA ALA A 444 -12.51 -11.37 23.46
C ALA A 444 -12.08 -11.56 24.91
N ARG A 445 -12.17 -12.81 25.38
CA ARG A 445 -11.89 -13.14 26.78
C ARG A 445 -10.44 -13.49 27.02
N VAL A 446 -9.65 -13.73 25.97
CA VAL A 446 -8.22 -13.93 26.09
C VAL A 446 -7.57 -12.56 25.95
N LYS A 447 -6.82 -12.13 26.96
CA LYS A 447 -6.28 -10.78 26.94
C LYS A 447 -5.48 -10.52 25.68
N SER A 448 -4.54 -11.42 25.36
CA SER A 448 -3.66 -11.20 24.21
C SER A 448 -4.46 -10.95 22.94
N VAL A 449 -5.49 -11.78 22.70
CA VAL A 449 -6.33 -11.59 21.53
C VAL A 449 -7.05 -10.25 21.61
N ARG A 450 -7.60 -9.93 22.78
CA ARG A 450 -8.35 -8.69 22.93
C ARG A 450 -7.47 -7.48 22.71
N GLU A 451 -6.26 -7.48 23.27
CA GLU A 451 -5.40 -6.30 23.13
C GLU A 451 -4.87 -6.16 21.70
N ALA A 452 -4.67 -7.28 20.98
CA ALA A 452 -4.34 -7.18 19.56
C ALA A 452 -5.47 -6.50 18.80
N ALA A 453 -6.70 -6.98 18.98
CA ALA A 453 -7.85 -6.34 18.36
C ALA A 453 -7.89 -4.85 18.69
N GLU A 454 -7.57 -4.49 19.93
CA GLU A 454 -7.59 -3.08 20.31
C GLU A 454 -6.59 -2.26 19.50
N ARG A 455 -5.39 -2.78 19.30
CA ARG A 455 -4.39 -2.05 18.53
C ARG A 455 -4.83 -1.90 17.08
N MET A 456 -5.35 -2.97 16.48
CA MET A 456 -5.89 -2.86 15.12
C MET A 456 -7.06 -1.87 15.07
N ALA A 457 -7.89 -1.88 16.12
CA ALA A 457 -9.14 -1.12 16.07
C ALA A 457 -8.88 0.39 16.05
N PHE A 458 -8.05 0.90 16.97
CA PHE A 458 -7.86 2.35 17.02
C PHE A 458 -6.77 2.85 16.08
N ASN A 459 -6.04 1.94 15.41
CA ASN A 459 -5.19 2.37 14.30
C ASN A 459 -6.01 2.68 13.05
N MET A 460 -7.11 1.97 12.85
CA MET A 460 -7.84 2.07 11.58
C MET A 460 -8.40 3.46 11.31
N PRO A 461 -9.00 4.16 12.27
CA PRO A 461 -9.45 5.53 11.96
C PRO A 461 -8.32 6.45 11.54
N VAL A 462 -7.10 6.25 12.06
CA VAL A 462 -6.01 7.15 11.70
C VAL A 462 -5.47 6.81 10.32
N GLN A 463 -5.13 5.55 10.08
CA GLN A 463 -4.61 5.15 8.78
C GLN A 463 -5.67 5.24 7.71
N GLY A 464 -6.92 4.90 8.06
CA GLY A 464 -7.99 4.92 7.08
C GLY A 464 -8.43 6.31 6.70
N THR A 465 -8.39 7.25 7.65
CA THR A 465 -8.66 8.65 7.30
C THR A 465 -7.59 9.18 6.35
N ALA A 466 -6.32 8.89 6.64
CA ALA A 466 -5.25 9.30 5.74
C ALA A 466 -5.45 8.70 4.36
N ALA A 467 -5.84 7.43 4.29
CA ALA A 467 -6.11 6.81 3.01
C ALA A 467 -7.32 7.45 2.34
N ASP A 468 -8.33 7.84 3.13
CA ASP A 468 -9.49 8.55 2.58
C ASP A 468 -9.05 9.85 1.91
N LEU A 469 -8.25 10.65 2.61
CA LEU A 469 -7.81 11.93 2.08
C LEU A 469 -7.08 11.75 0.76
N MET A 470 -6.13 10.82 0.73
CA MET A 470 -5.33 10.59 -0.47
C MET A 470 -6.20 10.18 -1.65
N LYS A 471 -7.10 9.22 -1.44
CA LYS A 471 -8.02 8.81 -2.50
C LYS A 471 -8.80 10.00 -3.03
N LEU A 472 -9.34 10.82 -2.13
CA LEU A 472 -10.09 12.01 -2.54
C LEU A 472 -9.22 12.94 -3.36
N ALA A 473 -7.97 13.14 -2.93
CA ALA A 473 -7.04 13.98 -3.66
C ALA A 473 -6.80 13.45 -5.07
N MET A 474 -6.59 12.14 -5.18
CA MET A 474 -6.41 11.54 -6.50
C MET A 474 -7.62 11.79 -7.39
N VAL A 475 -8.82 11.68 -6.84
CA VAL A 475 -10.03 11.90 -7.63
C VAL A 475 -10.10 13.35 -8.09
N LYS A 476 -9.78 14.30 -7.21
CA LYS A 476 -9.79 15.70 -7.59
C LYS A 476 -8.66 16.03 -8.56
N LEU A 477 -7.45 15.53 -8.28
CA LEU A 477 -6.27 15.93 -9.03
C LEU A 477 -6.33 15.42 -10.48
N PHE A 478 -6.80 14.20 -10.69
CA PHE A 478 -6.66 13.55 -11.99
C PHE A 478 -7.17 14.39 -13.16
N PRO A 479 -8.39 14.92 -13.16
CA PRO A 479 -8.81 15.74 -14.33
C PRO A 479 -7.90 16.93 -14.56
N ARG A 480 -7.43 17.57 -13.48
CA ARG A 480 -6.53 18.69 -13.64
C ARG A 480 -5.23 18.28 -14.31
N LEU A 481 -4.77 17.04 -14.09
CA LEU A 481 -3.53 16.61 -14.73
C LEU A 481 -3.74 16.32 -16.22
N GLU A 482 -4.84 15.65 -16.56
CA GLU A 482 -5.15 15.40 -17.97
C GLU A 482 -5.19 16.71 -18.75
N GLU A 483 -5.72 17.77 -18.14
CA GLU A 483 -5.85 19.05 -18.86
C GLU A 483 -4.49 19.69 -19.09
N MET A 484 -3.54 19.47 -18.20
CA MET A 484 -2.18 19.98 -18.37
C MET A 484 -1.29 19.02 -19.14
N GLY A 485 -1.83 17.91 -19.64
CA GLY A 485 -1.03 16.95 -20.37
C GLY A 485 -0.08 16.15 -19.50
N ALA A 486 -0.43 15.92 -18.24
CA ALA A 486 0.41 15.19 -17.32
C ALA A 486 -0.23 13.85 -16.95
N ARG A 487 0.55 13.00 -16.29
CA ARG A 487 0.17 11.64 -15.98
C ARG A 487 0.29 11.38 -14.48
N MET A 488 -0.64 10.60 -13.96
CA MET A 488 -0.50 10.03 -12.62
C MET A 488 0.02 8.61 -12.78
N LEU A 489 1.14 8.31 -12.13
CA LEU A 489 1.79 7.02 -12.29
C LEU A 489 1.65 6.12 -11.09
N LEU A 490 1.96 6.61 -9.88
CA LEU A 490 2.01 5.75 -8.72
C LEU A 490 1.41 6.45 -7.51
N GLN A 491 0.85 5.64 -6.61
CA GLN A 491 0.45 6.05 -5.28
C GLN A 491 1.13 5.12 -4.29
N VAL A 492 1.76 5.69 -3.26
CA VAL A 492 2.36 4.90 -2.20
C VAL A 492 1.78 5.36 -0.87
N HIS A 493 0.47 5.15 -0.72
CA HIS A 493 -0.28 5.42 0.50
C HIS A 493 -0.46 6.92 0.80
N ASP A 494 0.63 7.66 1.02
CA ASP A 494 0.54 9.09 1.26
C ASP A 494 1.40 9.87 0.27
N GLU A 495 1.68 9.27 -0.88
CA GLU A 495 2.56 9.87 -1.86
C GLU A 495 1.98 9.60 -3.25
N LEU A 496 2.23 10.54 -4.16
CA LEU A 496 1.92 10.34 -5.57
C LEU A 496 3.16 10.62 -6.39
N VAL A 497 3.36 9.83 -7.43
CA VAL A 497 4.38 10.07 -8.44
C VAL A 497 3.67 10.42 -9.74
N LEU A 498 3.99 11.59 -10.28
CA LEU A 498 3.44 12.02 -11.56
C LEU A 498 4.55 12.05 -12.60
N GLU A 499 4.11 12.16 -13.86
CA GLU A 499 5.01 12.35 -14.99
C GLU A 499 4.48 13.54 -15.78
N ALA A 500 5.33 14.52 -16.04
CA ALA A 500 4.88 15.73 -16.70
C ALA A 500 5.88 16.17 -17.76
N PRO A 501 5.41 16.73 -18.87
CA PRO A 501 6.32 17.37 -19.82
C PRO A 501 7.25 18.34 -19.10
N LYS A 502 8.51 18.40 -19.55
CA LYS A 502 9.50 19.23 -18.88
C LYS A 502 9.05 20.68 -18.79
N GLU A 503 8.35 21.18 -19.81
CA GLU A 503 7.91 22.57 -19.84
C GLU A 503 6.72 22.82 -18.93
N ARG A 504 6.08 21.79 -18.41
CA ARG A 504 4.92 21.92 -17.53
C ARG A 504 5.20 21.43 -16.12
N ALA A 505 6.38 20.88 -15.85
CA ALA A 505 6.62 20.20 -14.58
C ALA A 505 6.46 21.14 -13.39
N GLU A 506 7.02 22.35 -13.48
CA GLU A 506 6.87 23.29 -12.38
C GLU A 506 5.41 23.60 -12.12
N ALA A 507 4.63 23.83 -13.18
CA ALA A 507 3.22 24.14 -13.02
C ALA A 507 2.46 22.96 -12.43
N VAL A 508 2.74 21.75 -12.91
CA VAL A 508 2.07 20.56 -12.40
C VAL A 508 2.43 20.34 -10.93
N ALA A 509 3.72 20.45 -10.60
CA ALA A 509 4.14 20.31 -9.20
C ALA A 509 3.41 21.31 -8.32
N ARG A 510 3.46 22.59 -8.69
CA ARG A 510 2.76 23.61 -7.92
C ARG A 510 1.29 23.25 -7.74
N LEU A 511 0.63 22.84 -8.82
CA LEU A 511 -0.80 22.59 -8.76
C LEU A 511 -1.11 21.35 -7.92
N ALA A 512 -0.38 20.25 -8.14
CA ALA A 512 -0.66 19.02 -7.41
C ALA A 512 -0.49 19.22 -5.92
N LYS A 513 0.52 20.00 -5.52
CA LYS A 513 0.73 20.27 -4.11
C LYS A 513 -0.46 21.02 -3.51
N GLU A 514 -1.02 21.98 -4.27
CA GLU A 514 -2.18 22.72 -3.78
C GLU A 514 -3.39 21.82 -3.64
N VAL A 515 -3.67 20.99 -4.66
CA VAL A 515 -4.83 20.10 -4.61
C VAL A 515 -4.73 19.18 -3.39
N MET A 516 -3.57 18.56 -3.21
CA MET A 516 -3.41 17.58 -2.13
C MET A 516 -3.55 18.25 -0.77
N GLU A 517 -2.98 19.44 -0.59
CA GLU A 517 -3.01 20.08 0.71
C GLU A 517 -4.40 20.60 1.05
N GLY A 518 -5.16 21.05 0.04
CA GLY A 518 -6.49 21.58 0.26
C GLY A 518 -7.60 20.58 0.02
N VAL A 519 -7.28 19.29 0.02
CA VAL A 519 -8.26 18.27 -0.37
C VAL A 519 -9.49 18.32 0.53
N TYR A 520 -9.30 18.58 1.82
CA TYR A 520 -10.36 18.51 2.81
C TYR A 520 -9.86 19.14 4.09
N PRO A 521 -9.96 20.46 4.23
CA PRO A 521 -9.32 21.13 5.37
C PRO A 521 -9.65 20.48 6.70
N LEU A 522 -8.63 20.34 7.54
CA LEU A 522 -8.75 19.77 8.87
C LEU A 522 -8.47 20.86 9.91
N ALA A 523 -8.41 20.46 11.17
CA ALA A 523 -8.04 21.38 12.24
C ALA A 523 -6.55 21.70 12.22
N VAL A 524 -5.78 21.01 11.39
CA VAL A 524 -4.37 21.33 11.18
C VAL A 524 -4.14 21.45 9.68
N PRO A 525 -3.17 22.23 9.23
CA PRO A 525 -2.85 22.26 7.81
C PRO A 525 -2.21 20.96 7.38
N LEU A 526 -2.66 20.44 6.24
CA LEU A 526 -1.90 19.43 5.55
C LEU A 526 -0.82 20.10 4.72
N GLU A 527 0.39 19.56 4.80
CA GLU A 527 1.53 20.07 4.04
C GLU A 527 2.08 18.93 3.19
N VAL A 528 2.49 19.26 1.98
CA VAL A 528 2.99 18.28 1.02
C VAL A 528 4.40 18.66 0.61
N GLU A 529 5.32 17.71 0.73
CA GLU A 529 6.66 17.85 0.16
C GLU A 529 6.61 17.45 -1.30
N VAL A 530 7.16 18.29 -2.18
CA VAL A 530 7.18 18.01 -3.61
C VAL A 530 8.59 18.20 -4.14
N GLY A 531 8.98 17.32 -5.06
CA GLY A 531 10.23 17.46 -5.77
C GLY A 531 10.08 16.99 -7.20
N ILE A 532 11.08 17.33 -8.02
CA ILE A 532 11.06 17.06 -9.45
C ILE A 532 12.44 16.53 -9.85
N GLY A 533 12.45 15.46 -10.64
CA GLY A 533 13.71 14.88 -11.07
C GLY A 533 13.53 13.89 -12.20
N GLU A 534 14.65 13.57 -12.85
CA GLU A 534 14.66 12.56 -13.91
C GLU A 534 14.35 11.17 -13.37
N ASP A 535 14.51 10.93 -12.06
CA ASP A 535 14.26 9.62 -11.48
C ASP A 535 13.54 9.75 -10.14
N TRP A 536 12.96 8.64 -9.69
CA TRP A 536 12.11 8.64 -8.50
C TRP A 536 12.87 9.16 -7.28
N LEU A 537 14.14 8.79 -7.14
CA LEU A 537 14.89 9.21 -5.95
C LEU A 537 15.15 10.72 -5.97
N SER A 538 15.62 11.25 -7.11
CA SER A 538 15.88 12.69 -7.20
C SER A 538 14.62 13.48 -6.87
N ALA A 539 13.46 13.01 -7.32
CA ALA A 539 12.21 13.74 -7.17
C ALA A 539 11.75 13.82 -5.72
N LYS A 540 12.20 12.93 -4.86
CA LYS A 540 11.78 12.92 -3.46
C LYS A 540 12.66 13.78 -2.57
N GLU A 541 13.61 14.51 -3.14
CA GLU A 541 14.56 15.29 -2.36
C GLU A 541 14.29 16.79 -2.50
N1 XG4 D . 4.19 2.00 11.72
C2 XG4 D . 2.90 2.46 11.60
N2 XG4 D . 2.01 2.01 12.49
N3 XG4 D . 2.51 3.31 10.66
C4 XG4 D . 3.50 3.65 9.81
C5 XG4 D . 4.81 3.24 9.83
C6 XG4 D . 5.22 2.33 10.87
O6 XG4 D . 6.36 1.89 11.06
N7 XG4 D . 5.52 3.79 8.78
C8 XG4 D . 4.64 4.55 8.16
N9 XG4 D . 3.40 4.53 8.75
PA XG4 D . 5.62 8.25 5.60
PB XG4 D . 5.20 10.54 7.42
PG XG4 D . 7.12 12.43 6.38
C1' XG4 D . 2.24 5.35 8.41
O1A XG4 D . 5.17 9.18 4.39
O1B XG4 D . 4.17 11.05 6.34
O1G XG4 D . 7.23 13.88 6.75
C2' XG4 D . 2.14 6.61 9.28
O2A XG4 D . 6.82 7.53 5.19
O2B XG4 D . 4.51 10.37 8.69
O2G XG4 D . 8.50 11.77 6.21
C3' XG4 D . 2.70 7.71 8.37
O3' XG4 D . 2.09 8.97 8.66
N3A XG4 D . 5.90 9.16 6.92
O3B XG4 D . 6.35 11.63 7.52
O3G XG4 D . 6.33 12.19 5.08
C4' XG4 D . 2.26 7.22 6.99
O4' XG4 D . 2.38 5.79 7.06
C5' XG4 D . 3.07 7.76 5.83
O5' XG4 D . 4.43 7.29 5.96
HN1 XG4 D . 4.42 1.37 12.47
HN2 XG4 D . 2.24 1.36 13.24
HN2A XG4 D . 1.06 2.33 12.45
H8 XG4 D . 4.86 5.13 7.27
H1' XG4 D . 1.36 4.73 8.45
H2' XG4 D . 2.73 6.50 10.19
H2'A XG4 D . 1.13 6.82 9.62
H3' XG4 D . 3.77 7.80 8.43
HO3' XG4 D . 2.84 9.59 8.85
HN3A XG4 D . 6.63 8.82 7.53
H4' XG4 D . 1.20 7.41 6.82
H5' XG4 D . 3.00 8.83 5.78
H5'A XG4 D . 2.72 7.32 4.89
MN MN E . 4.97 8.60 2.27
MN MN F . 4.48 11.25 4.41
C1 EDO G . -25.69 5.03 -8.72
O1 EDO G . -27.03 5.31 -8.28
C2 EDO G . -24.73 5.89 -7.91
O2 EDO G . -24.78 7.24 -8.39
H11 EDO G . -25.60 5.26 -9.79
H12 EDO G . -25.46 3.98 -8.57
HO1 EDO G . -27.65 4.77 -8.78
H21 EDO G . -23.71 5.50 -8.01
H22 EDO G . -25.01 5.87 -6.86
HO2 EDO G . -24.17 7.79 -7.87
C1 EDO H . 1.67 -8.82 8.47
O1 EDO H . 1.29 -7.56 7.89
C2 EDO H . 2.55 -9.60 7.50
O2 EDO H . 1.79 -9.99 6.35
H11 EDO H . 0.77 -9.40 8.70
H12 EDO H . 2.22 -8.65 9.39
HO1 EDO H . 0.74 -7.07 8.52
H21 EDO H . 2.93 -10.49 8.00
H22 EDO H . 3.39 -8.99 7.19
HO2 EDO H . 2.35 -10.49 5.74
C1 EDO I . 9.97 -25.69 -4.24
O1 EDO I . 10.98 -25.41 -3.27
C2 EDO I . 9.93 -27.18 -4.51
O2 EDO I . 9.49 -27.88 -3.33
H11 EDO I . 10.18 -25.15 -5.16
H12 EDO I . 8.99 -25.36 -3.85
HO1 EDO I . 11.01 -24.46 -3.09
H21 EDO I . 10.92 -27.53 -4.80
H22 EDO I . 9.24 -27.39 -5.34
HO2 EDO I . 9.47 -28.83 -3.50
#